data_3CFL
#
_entry.id   3CFL
#
_cell.length_a   63.514
_cell.length_b   50.395
_cell.length_c   65.863
_cell.angle_alpha   90.00
_cell.angle_beta   107.97
_cell.angle_gamma   90.00
#
_symmetry.space_group_name_H-M   'P 1 21 1'
#
loop_
_entity.id
_entity.type
_entity.pdbx_description
1 polymer Lactotransferrin
2 branched 2-acetamido-2-deoxy-beta-D-glucopyranose-(1-4)-2-acetamido-2-deoxy-beta-D-glucopyranose
3 non-polymer 'FE (III) ION'
4 non-polymer 'CARBONATE ION'
5 non-polymer 'ZINC ION'
6 non-polymer 'SULFATE ION'
7 non-polymer "5-chloro-6'-methyl-3-[4-(methylsulfonyl)phenyl]-2,3'-bipyridine"
8 water water
#
_entity_poly.entity_id   1
_entity_poly.type   'polypeptide(L)'
_entity_poly.pdbx_seq_one_letter_code
;YTRVVWCAVGPEEQKKCQQWSQQSGQNVTCATASTTDDCIVLVLKGEADALNLDGGYIYTAGKCGLVPVLAENRKSSKHS
SLDCVLRPTEGYLAVAVVKKANEGLTWNSLKDKKSCHTAVDRTAGWNIPMGLIVNQTGSCAFDEFFSQSCAPGADPKSRL
CALCAGDDQGLDKCVPNSKEKYYGYTGAFRCLAEDVGDVAFVKNDTVWENTNGESTADWAKNLKREDFRLLCLDGTRKPV
TEAQSCHLAVAPNHAVVSRSDRAAHVEQVLLHQQALFGKNGKNCPDKFCLFKSETKNLLFNDNTECLAKLGGRPTYEEYL
GTEYVTAIANLKKCSTSPLLEACAF
;
_entity_poly.pdbx_strand_id   A
#
# COMPACT_ATOMS: atom_id res chain seq x y z
N TYR A 1 4.56 -25.49 -14.71
CA TYR A 1 3.48 -25.48 -15.74
C TYR A 1 2.17 -24.83 -15.22
N THR A 2 1.44 -25.53 -14.35
CA THR A 2 0.33 -24.91 -13.60
C THR A 2 0.89 -24.28 -12.30
N ARG A 3 2.14 -23.80 -12.41
CA ARG A 3 2.92 -23.28 -11.30
C ARG A 3 3.20 -21.77 -11.46
N VAL A 4 2.90 -21.02 -10.41
CA VAL A 4 3.11 -19.59 -10.36
C VAL A 4 4.34 -19.24 -9.52
N VAL A 5 5.18 -18.36 -10.05
CA VAL A 5 6.25 -17.73 -9.26
C VAL A 5 5.76 -16.38 -8.71
N TRP A 6 5.59 -16.31 -7.39
CA TRP A 6 5.25 -15.06 -6.72
C TRP A 6 6.54 -14.24 -6.50
N CYS A 7 6.47 -12.92 -6.55
CA CYS A 7 7.64 -12.12 -6.22
C CYS A 7 7.45 -11.44 -4.88
N ALA A 8 8.30 -11.77 -3.92
CA ALA A 8 8.31 -11.17 -2.59
C ALA A 8 9.26 -10.01 -2.51
N VAL A 9 8.84 -8.95 -1.83
CA VAL A 9 9.63 -7.75 -1.61
C VAL A 9 10.23 -7.80 -0.21
N GLY A 10 11.55 -8.09 -0.14
CA GLY A 10 12.28 -8.11 1.12
C GLY A 10 12.13 -9.42 1.86
N PRO A 11 12.92 -9.60 2.95
CA PRO A 11 13.10 -10.80 3.79
C PRO A 11 11.84 -11.43 4.40
N GLU A 12 10.96 -10.60 4.92
CA GLU A 12 9.80 -11.07 5.63
C GLU A 12 8.73 -11.58 4.68
N GLU A 13 8.55 -10.89 3.55
CA GLU A 13 7.62 -11.35 2.52
C GLU A 13 8.17 -12.64 1.94
N GLN A 14 9.50 -12.74 1.82
CA GLN A 14 10.14 -14.00 1.42
C GLN A 14 9.74 -15.17 2.33
N LYS A 15 9.83 -14.96 3.64
CA LYS A 15 9.51 -15.99 4.64
C LYS A 15 8.04 -16.44 4.57
N LYS A 16 7.11 -15.49 4.53
CA LYS A 16 5.70 -15.82 4.31
C LYS A 16 5.47 -16.58 3.00
N CYS A 17 6.11 -16.13 1.93
CA CYS A 17 5.97 -16.78 0.64
C CYS A 17 6.42 -18.26 0.69
N GLN A 18 7.57 -18.52 1.32
CA GLN A 18 8.11 -19.87 1.46
C GLN A 18 7.15 -20.83 2.18
N GLN A 19 6.48 -20.32 3.21
CA GLN A 19 5.43 -21.05 3.91
C GLN A 19 4.27 -21.39 2.98
N TRP A 20 3.83 -20.40 2.22
CA TRP A 20 2.77 -20.56 1.25
C TRP A 20 3.20 -21.54 0.18
N SER A 21 4.43 -21.46 -0.27
CA SER A 21 4.98 -22.40 -1.26
C SER A 21 4.96 -23.85 -0.77
N GLN A 22 5.44 -24.05 0.46
CA GLN A 22 5.38 -25.33 1.17
C GLN A 22 3.97 -25.90 1.25
N GLN A 23 3.04 -25.12 1.83
CA GLN A 23 1.65 -25.52 1.97
C GLN A 23 0.92 -25.80 0.65
N SER A 24 1.36 -25.17 -0.44
CA SER A 24 0.72 -25.29 -1.75
C SER A 24 1.21 -26.51 -2.56
N GLY A 25 2.18 -27.24 -2.01
CA GLY A 25 2.79 -28.38 -2.70
C GLY A 25 3.50 -27.89 -3.94
N GLN A 26 4.12 -26.72 -3.83
CA GLN A 26 4.88 -26.11 -4.93
C GLN A 26 4.04 -25.68 -6.13
N ASN A 27 2.72 -25.61 -5.95
CA ASN A 27 1.89 -24.92 -6.94
C ASN A 27 2.27 -23.43 -7.03
N VAL A 28 2.76 -22.87 -5.93
CA VAL A 28 3.32 -21.53 -5.93
C VAL A 28 4.75 -21.63 -5.45
N THR A 29 5.66 -20.97 -6.17
CA THR A 29 7.03 -20.76 -5.67
C THR A 29 7.36 -19.26 -5.61
N CYS A 30 8.54 -18.95 -5.07
CA CYS A 30 8.88 -17.60 -4.65
C CYS A 30 10.13 -17.09 -5.31
N ALA A 31 10.06 -15.86 -5.80
CA ALA A 31 11.22 -15.10 -6.21
C ALA A 31 11.23 -13.91 -5.25
N THR A 32 12.42 -13.41 -4.92
CA THR A 32 12.57 -12.30 -3.98
C THR A 32 13.37 -11.17 -4.59
N ALA A 33 12.96 -9.94 -4.30
CA ALA A 33 13.68 -8.75 -4.75
C ALA A 33 13.75 -7.78 -3.58
N SER A 34 14.65 -6.82 -3.65
CA SER A 34 14.78 -5.83 -2.59
C SER A 34 13.73 -4.72 -2.69
N THR A 35 13.21 -4.51 -3.88
CA THR A 35 12.24 -3.44 -4.09
C THR A 35 11.11 -3.92 -4.97
N THR A 36 9.99 -3.19 -4.91
CA THR A 36 8.83 -3.45 -5.75
C THR A 36 9.19 -3.23 -7.23
N ASP A 37 9.91 -2.15 -7.54
CA ASP A 37 10.43 -1.95 -8.89
C ASP A 37 11.28 -3.11 -9.44
N ASP A 38 12.11 -3.72 -8.58
CA ASP A 38 12.87 -4.89 -9.00
C ASP A 38 12.01 -6.12 -9.22
N CYS A 39 10.95 -6.26 -8.43
CA CYS A 39 10.00 -7.32 -8.66
C CYS A 39 9.28 -7.15 -10.00
N ILE A 40 8.92 -5.91 -10.33
CA ILE A 40 8.32 -5.61 -11.62
C ILE A 40 9.24 -6.04 -12.77
N VAL A 41 10.53 -5.85 -12.59
CA VAL A 41 11.53 -6.24 -13.59
C VAL A 41 11.64 -7.77 -13.74
N LEU A 42 11.58 -8.52 -12.63
CA LEU A 42 11.57 -9.98 -12.70
C LEU A 42 10.36 -10.48 -13.47
N VAL A 43 9.21 -9.84 -13.24
CA VAL A 43 7.98 -10.18 -13.96
C VAL A 43 8.14 -9.94 -15.49
N LEU A 44 8.69 -8.79 -15.87
CA LEU A 44 8.92 -8.46 -17.30
C LEU A 44 9.89 -9.43 -17.98
N LYS A 45 10.91 -9.86 -17.23
CA LYS A 45 11.90 -10.77 -17.75
C LYS A 45 11.32 -12.17 -17.88
N GLY A 46 10.22 -12.42 -17.16
CA GLY A 46 9.57 -13.73 -17.15
C GLY A 46 10.17 -14.64 -16.11
N GLU A 47 10.88 -14.05 -15.14
CA GLU A 47 11.47 -14.81 -14.03
C GLU A 47 10.59 -14.89 -12.77
N ALA A 48 9.60 -14.00 -12.67
CA ALA A 48 8.47 -14.16 -11.75
C ALA A 48 7.18 -14.00 -12.58
N ASP A 49 6.05 -14.39 -12.01
CA ASP A 49 4.75 -14.25 -12.70
C ASP A 49 3.88 -13.08 -12.21
N ALA A 50 3.92 -12.80 -10.90
CA ALA A 50 2.88 -12.01 -10.29
C ALA A 50 3.29 -11.47 -8.93
N LEU A 51 2.69 -10.36 -8.54
CA LEU A 51 2.74 -9.81 -7.17
C LEU A 51 1.55 -8.86 -7.03
N ASN A 52 1.23 -8.53 -5.78
CA ASN A 52 0.12 -7.66 -5.44
C ASN A 52 0.70 -6.28 -5.26
N LEU A 53 0.10 -5.27 -5.89
CA LEU A 53 0.68 -3.95 -5.94
C LEU A 53 -0.29 -2.85 -5.56
N ASP A 54 0.25 -1.82 -4.93
CA ASP A 54 -0.46 -0.57 -4.72
C ASP A 54 -0.66 0.09 -6.07
N GLY A 55 -1.76 0.86 -6.18
CA GLY A 55 -2.10 1.60 -7.39
C GLY A 55 -1.00 2.42 -8.03
N GLY A 56 -0.17 3.11 -7.24
CA GLY A 56 0.95 3.87 -7.79
C GLY A 56 1.92 3.02 -8.60
N TYR A 57 2.14 1.80 -8.12
CA TYR A 57 2.98 0.81 -8.81
C TYR A 57 2.29 0.14 -10.01
N ILE A 58 0.97 -0.03 -9.95
CA ILE A 58 0.18 -0.54 -11.08
C ILE A 58 0.38 0.38 -12.27
N TYR A 59 0.50 1.67 -11.99
CA TYR A 59 0.73 2.68 -13.02
C TYR A 59 2.12 2.51 -13.65
N THR A 60 3.15 2.31 -12.81
CA THR A 60 4.49 1.93 -13.28
C THR A 60 4.48 0.64 -14.14
N ALA A 61 3.93 -0.43 -13.59
CA ALA A 61 3.89 -1.72 -14.26
C ALA A 61 3.07 -1.68 -15.57
N GLY A 62 2.03 -0.84 -15.60
CA GLY A 62 1.06 -0.78 -16.69
C GLY A 62 1.65 -0.18 -17.93
N LYS A 63 2.45 0.87 -17.75
CA LYS A 63 3.28 1.44 -18.81
C LYS A 63 4.26 0.45 -19.43
N CYS A 64 4.60 -0.59 -18.66
CA CYS A 64 5.51 -1.65 -19.11
C CYS A 64 4.78 -2.89 -19.66
N GLY A 65 3.45 -2.80 -19.77
CA GLY A 65 2.63 -3.87 -20.34
C GLY A 65 2.04 -4.87 -19.34
N LEU A 66 2.27 -4.67 -18.04
CA LEU A 66 1.64 -5.53 -17.04
C LEU A 66 0.17 -5.15 -16.87
N VAL A 67 -0.64 -6.13 -16.49
CA VAL A 67 -2.09 -5.96 -16.44
C VAL A 67 -2.62 -6.38 -15.06
N PRO A 68 -3.64 -5.65 -14.55
CA PRO A 68 -4.35 -6.07 -13.34
C PRO A 68 -5.07 -7.39 -13.58
N VAL A 69 -5.03 -8.29 -12.61
CA VAL A 69 -5.57 -9.65 -12.77
C VAL A 69 -6.77 -9.92 -11.86
N LEU A 70 -6.58 -9.65 -10.57
CA LEU A 70 -7.56 -9.77 -9.48
C LEU A 70 -7.23 -8.67 -8.47
N ALA A 71 -8.26 -8.09 -7.87
CA ALA A 71 -8.09 -7.01 -6.90
C ALA A 71 -8.38 -7.45 -5.46
N GLU A 72 -7.70 -6.83 -4.50
CA GLU A 72 -8.07 -6.98 -3.08
C GLU A 72 -9.49 -6.44 -2.86
N ASN A 73 -10.29 -7.22 -2.14
CA ASN A 73 -11.63 -6.83 -1.79
C ASN A 73 -11.75 -7.02 -0.30
N ARG A 74 -12.08 -5.95 0.42
CA ARG A 74 -12.26 -6.07 1.86
C ARG A 74 -13.76 -6.14 2.17
N LYS A 75 -14.12 -6.35 3.44
CA LYS A 75 -15.54 -6.41 3.81
C LYS A 75 -16.32 -5.10 3.60
N SER A 76 -17.58 -5.24 3.21
CA SER A 76 -18.45 -4.08 2.99
C SER A 76 -19.90 -4.40 3.34
N SER A 77 -20.57 -3.41 3.94
CA SER A 77 -21.99 -3.50 4.27
C SER A 77 -22.88 -3.50 3.00
N LYS A 78 -22.33 -3.02 1.89
CA LYS A 78 -22.99 -2.98 0.59
C LYS A 78 -22.62 -4.20 -0.27
N HIS A 79 -23.49 -4.51 -1.25
CA HIS A 79 -23.38 -5.72 -2.11
C HIS A 79 -23.22 -7.02 -1.30
N SER A 80 -23.51 -6.91 -0.01
CA SER A 80 -23.38 -7.97 1.00
C SER A 80 -23.99 -9.33 0.63
N SER A 81 -24.94 -9.34 -0.29
CA SER A 81 -25.50 -10.60 -0.80
C SER A 81 -24.52 -11.27 -1.77
N LEU A 82 -23.96 -10.47 -2.67
CA LEU A 82 -22.99 -10.96 -3.66
C LEU A 82 -21.75 -11.58 -3.01
N ASP A 83 -21.27 -12.66 -3.61
CA ASP A 83 -20.06 -13.31 -3.14
C ASP A 83 -18.87 -12.38 -3.29
N CYS A 84 -17.90 -12.49 -2.38
CA CYS A 84 -16.75 -11.58 -2.36
C CYS A 84 -16.04 -11.50 -3.72
N VAL A 85 -15.78 -12.67 -4.32
CA VAL A 85 -15.04 -12.80 -5.59
C VAL A 85 -15.71 -12.06 -6.75
N LEU A 86 -17.03 -11.91 -6.68
CA LEU A 86 -17.79 -11.22 -7.73
C LEU A 86 -18.18 -9.78 -7.35
N ARG A 87 -18.06 -9.42 -6.08
CA ARG A 87 -18.46 -8.09 -5.62
C ARG A 87 -17.53 -7.00 -6.15
N PRO A 88 -18.10 -5.86 -6.61
CA PRO A 88 -17.23 -4.77 -7.09
C PRO A 88 -16.35 -4.27 -5.94
N THR A 89 -15.17 -3.73 -6.27
CA THR A 89 -14.29 -3.18 -5.25
C THR A 89 -14.74 -1.77 -4.88
N GLU A 90 -14.50 -1.36 -3.63
CA GLU A 90 -14.94 -0.03 -3.21
C GLU A 90 -13.87 1.05 -3.17
N GLY A 91 -12.62 0.67 -3.04
CA GLY A 91 -11.58 1.68 -3.02
C GLY A 91 -11.33 2.08 -1.58
N TYR A 92 -10.14 2.58 -1.29
CA TYR A 92 -9.88 2.97 0.07
C TYR A 92 -9.74 4.46 0.18
N LEU A 93 -9.86 4.97 1.39
CA LEU A 93 -9.75 6.40 1.60
C LEU A 93 -8.34 6.78 2.00
N ALA A 94 -7.69 7.61 1.20
CA ALA A 94 -6.42 8.23 1.56
C ALA A 94 -6.67 9.36 2.55
N VAL A 95 -6.03 9.30 3.74
CA VAL A 95 -6.19 10.36 4.77
C VAL A 95 -4.86 10.94 5.24
N ALA A 96 -4.89 12.13 5.84
CA ALA A 96 -3.73 12.70 6.55
C ALA A 96 -4.05 12.66 8.03
N VAL A 97 -3.15 12.11 8.84
CA VAL A 97 -3.41 11.86 10.27
C VAL A 97 -2.38 12.58 11.14
N VAL A 98 -2.89 13.23 12.20
CA VAL A 98 -2.06 13.92 13.19
C VAL A 98 -2.49 13.52 14.60
N LYS A 99 -1.70 13.91 15.59
CA LYS A 99 -2.10 13.79 16.98
C LYS A 99 -3.04 14.92 17.34
N LYS A 100 -4.09 14.59 18.07
CA LYS A 100 -4.99 15.60 18.62
C LYS A 100 -4.21 16.65 19.43
N ALA A 101 -3.27 16.20 20.24
CA ALA A 101 -2.43 17.06 21.09
C ALA A 101 -1.56 18.07 20.33
N ASN A 102 -1.36 17.83 19.03
CA ASN A 102 -0.66 18.76 18.15
C ASN A 102 -1.69 19.75 17.65
N GLU A 103 -2.05 20.68 18.53
CA GLU A 103 -3.17 21.58 18.29
C GLU A 103 -2.86 22.61 17.22
N GLY A 104 -3.90 23.02 16.52
CA GLY A 104 -3.69 23.99 15.45
C GLY A 104 -2.75 23.56 14.33
N LEU A 105 -2.50 22.26 14.20
CA LEU A 105 -1.91 21.75 12.97
C LEU A 105 -3.06 21.36 12.05
N THR A 106 -3.11 22.01 10.89
CA THR A 106 -4.11 21.73 9.86
C THR A 106 -3.40 21.59 8.50
N TRP A 107 -4.14 21.19 7.46
CA TRP A 107 -3.62 21.13 6.09
C TRP A 107 -2.86 22.37 5.66
N ASN A 108 -3.35 23.53 6.07
CA ASN A 108 -2.78 24.80 5.67
C ASN A 108 -1.51 25.20 6.42
N SER A 109 -1.13 24.44 7.45
CA SER A 109 0.11 24.73 8.17
C SER A 109 1.08 23.54 8.16
N LEU A 110 1.01 22.72 7.12
CA LEU A 110 1.89 21.56 6.99
C LEU A 110 3.34 21.89 6.59
N LYS A 111 3.55 23.05 5.98
CA LYS A 111 4.89 23.47 5.56
C LYS A 111 5.88 23.50 6.71
N ASP A 112 7.06 22.90 6.50
CA ASP A 112 8.14 22.81 7.50
C ASP A 112 7.84 21.89 8.68
N LYS A 113 6.77 21.10 8.57
CA LYS A 113 6.53 20.07 9.57
C LYS A 113 7.25 18.75 9.19
N LYS A 114 7.02 17.71 9.97
CA LYS A 114 7.66 16.43 9.76
C LYS A 114 6.63 15.42 9.28
N SER A 115 7.00 14.65 8.27
CA SER A 115 6.02 13.79 7.62
C SER A 115 6.44 12.33 7.52
N CYS A 116 5.42 11.46 7.52
CA CYS A 116 5.58 10.02 7.48
C CYS A 116 4.80 9.47 6.28
N HIS A 117 5.50 8.82 5.35
CA HIS A 117 4.90 8.32 4.10
C HIS A 117 5.15 6.86 4.00
N THR A 118 4.19 6.15 3.41
CA THR A 118 4.32 4.69 3.18
C THR A 118 5.58 4.31 2.37
N ALA A 119 5.76 4.99 1.25
CA ALA A 119 6.94 4.90 0.38
C ALA A 119 6.66 5.83 -0.77
N VAL A 120 7.74 6.35 -1.39
CA VAL A 120 7.65 7.08 -2.65
C VAL A 120 6.87 6.24 -3.69
N ASP A 121 6.07 6.92 -4.51
CA ASP A 121 5.33 6.30 -5.63
C ASP A 121 4.07 5.53 -5.27
N ARG A 122 3.77 5.49 -3.98
CA ARG A 122 2.56 4.82 -3.51
C ARG A 122 1.36 5.80 -3.43
N THR A 123 0.14 5.27 -3.49
CA THR A 123 -1.05 6.13 -3.61
C THR A 123 -1.35 7.10 -2.44
N ALA A 124 -1.74 6.55 -1.30
CA ALA A 124 -2.07 7.34 -0.13
C ALA A 124 -0.82 7.98 0.48
N GLY A 125 0.30 7.27 0.41
CA GLY A 125 1.51 7.70 1.07
C GLY A 125 2.30 8.74 0.33
N TRP A 126 2.12 8.80 -1.00
CA TRP A 126 2.95 9.70 -1.82
C TRP A 126 2.19 10.45 -2.92
N ASN A 127 1.59 9.72 -3.85
CA ASN A 127 1.02 10.33 -5.05
C ASN A 127 -0.09 11.33 -4.80
N ILE A 128 -1.00 10.97 -3.90
CA ILE A 128 -2.13 11.83 -3.60
C ILE A 128 -1.67 13.07 -2.83
N PRO A 129 -1.01 12.91 -1.66
CA PRO A 129 -0.65 14.10 -0.87
C PRO A 129 0.34 15.04 -1.57
N MET A 130 1.36 14.50 -2.21
CA MET A 130 2.37 15.33 -2.89
C MET A 130 1.85 15.98 -4.15
N GLY A 131 0.93 15.29 -4.82
CA GLY A 131 0.27 15.82 -6.01
C GLY A 131 -0.56 17.01 -5.61
N LEU A 132 -1.28 16.89 -4.51
CA LEU A 132 -2.06 17.99 -3.97
C LEU A 132 -1.14 19.15 -3.57
N ILE A 133 -0.02 18.83 -2.93
CA ILE A 133 0.93 19.85 -2.47
C ILE A 133 1.64 20.58 -3.62
N VAL A 134 2.02 19.86 -4.67
CA VAL A 134 2.58 20.51 -5.87
C VAL A 134 1.56 21.50 -6.45
N ASN A 135 0.33 21.02 -6.66
CA ASN A 135 -0.74 21.85 -7.20
C ASN A 135 -0.96 23.11 -6.40
N GLN A 136 -1.00 22.97 -5.08
CA GLN A 136 -1.25 24.11 -4.18
C GLN A 136 -0.12 25.13 -4.10
N THR A 137 1.12 24.67 -4.11
CA THR A 137 2.27 25.58 -4.03
C THR A 137 2.77 26.05 -5.41
N GLY A 138 2.18 25.53 -6.48
CA GLY A 138 2.64 25.76 -7.86
C GLY A 138 4.14 25.58 -8.03
N SER A 139 4.66 24.48 -7.48
CA SER A 139 6.10 24.23 -7.42
C SER A 139 6.37 22.72 -7.43
N CYS A 140 7.48 22.31 -8.05
CA CYS A 140 7.90 20.90 -8.06
C CYS A 140 8.89 20.56 -6.95
N ALA A 141 9.19 21.54 -6.11
CA ALA A 141 10.16 21.34 -5.05
C ALA A 141 9.53 20.65 -3.83
N PHE A 142 8.79 19.56 -4.07
CA PHE A 142 8.17 18.78 -3.00
C PHE A 142 9.19 18.19 -2.01
N ASP A 143 10.47 18.19 -2.38
CA ASP A 143 11.53 17.73 -1.49
C ASP A 143 11.95 18.83 -0.54
N GLU A 144 11.30 19.99 -0.65
CA GLU A 144 11.62 21.12 0.20
C GLU A 144 10.47 21.54 1.10
N PHE A 145 9.30 20.92 0.89
CA PHE A 145 8.09 21.27 1.62
C PHE A 145 8.11 20.90 3.12
N PHE A 146 8.46 19.67 3.44
CA PHE A 146 8.53 19.26 4.83
C PHE A 146 9.96 19.47 5.30
N SER A 147 10.16 19.72 6.59
CA SER A 147 11.52 19.91 7.09
C SER A 147 12.25 18.58 7.01
N GLN A 148 11.58 17.53 7.49
CA GLN A 148 12.12 16.19 7.52
C GLN A 148 11.01 15.18 7.27
N SER A 149 11.38 14.02 6.75
CA SER A 149 10.42 12.97 6.41
C SER A 149 11.01 11.57 6.58
N CYS A 150 10.12 10.59 6.66
CA CYS A 150 10.50 9.25 6.26
C CYS A 150 9.66 8.95 5.02
N ALA A 151 10.30 8.87 3.87
CA ALA A 151 9.64 8.47 2.63
C ALA A 151 10.49 7.36 2.00
N PRO A 152 10.26 6.09 2.37
CA PRO A 152 11.11 5.01 1.85
C PRO A 152 11.20 4.99 0.32
N GLY A 153 12.42 4.87 -0.19
CA GLY A 153 12.65 4.95 -1.62
C GLY A 153 13.28 6.27 -2.07
N ALA A 154 13.29 7.28 -1.21
CA ALA A 154 13.95 8.53 -1.56
C ALA A 154 15.44 8.37 -1.26
N ASP A 155 16.25 9.35 -1.65
CA ASP A 155 17.70 9.29 -1.44
C ASP A 155 18.01 9.28 0.07
N PRO A 156 18.69 8.22 0.55
CA PRO A 156 18.97 8.10 1.99
C PRO A 156 19.68 9.32 2.63
N LYS A 157 20.40 10.12 1.83
CA LYS A 157 21.09 11.33 2.32
C LYS A 157 20.20 12.59 2.35
N SER A 158 19.05 12.58 1.67
CA SER A 158 18.12 13.72 1.67
C SER A 158 17.29 13.83 2.94
N ARG A 159 16.70 15.00 3.16
CA ARG A 159 15.74 15.24 4.24
C ARG A 159 14.52 14.30 4.20
N LEU A 160 14.17 13.84 2.99
CA LEU A 160 13.10 12.86 2.78
C LEU A 160 13.36 11.49 3.41
N CYS A 161 14.62 11.17 3.73
CA CYS A 161 14.92 9.95 4.49
C CYS A 161 15.37 10.19 5.94
N ALA A 162 15.42 11.45 6.35
CA ALA A 162 16.04 11.80 7.63
C ALA A 162 15.38 11.12 8.81
N LEU A 163 14.10 10.83 8.69
CA LEU A 163 13.31 10.32 9.80
C LEU A 163 13.19 8.79 9.83
N CYS A 164 13.63 8.15 8.74
CA CYS A 164 13.58 6.68 8.66
C CYS A 164 14.62 6.08 9.57
N ALA A 165 14.34 4.87 10.05
CA ALA A 165 15.14 4.30 11.09
C ALA A 165 15.94 3.08 10.63
N GLY A 166 15.60 2.50 9.47
CA GLY A 166 16.14 1.21 9.10
C GLY A 166 15.65 0.07 9.97
N ASP A 167 16.45 -1.00 10.04
CA ASP A 167 16.08 -2.25 10.70
C ASP A 167 16.59 -2.33 12.16
N ASP A 168 16.51 -3.53 12.74
CA ASP A 168 16.99 -3.84 14.10
C ASP A 168 18.33 -3.20 14.43
N GLN A 169 19.21 -3.21 13.43
CA GLN A 169 20.61 -2.83 13.58
C GLN A 169 20.91 -1.48 13.00
N GLY A 170 19.91 -0.83 12.42
CA GLY A 170 20.12 0.47 11.81
C GLY A 170 20.58 0.39 10.36
N LEU A 171 20.60 -0.82 9.81
CA LEU A 171 20.93 -0.99 8.39
C LEU A 171 19.68 -0.80 7.56
N ASP A 172 19.87 -0.51 6.28
CA ASP A 172 18.77 -0.42 5.31
C ASP A 172 17.85 0.77 5.55
N LYS A 173 18.41 1.86 6.08
CA LYS A 173 17.66 3.09 6.30
C LYS A 173 17.02 3.55 5.00
N CYS A 174 15.69 3.68 5.04
CA CYS A 174 14.92 4.24 3.94
C CYS A 174 14.70 3.28 2.74
N VAL A 175 14.97 1.99 2.87
CA VAL A 175 14.71 1.04 1.77
C VAL A 175 13.21 0.87 1.65
N PRO A 176 12.68 0.76 0.42
CA PRO A 176 11.24 0.55 0.28
C PRO A 176 10.81 -0.91 0.39
N ASN A 177 11.05 -1.47 1.57
CA ASN A 177 10.56 -2.78 1.95
C ASN A 177 10.45 -2.81 3.47
N SER A 178 9.83 -3.86 3.99
CA SER A 178 9.42 -3.89 5.39
C SER A 178 10.58 -4.02 6.40
N LYS A 179 11.81 -4.14 5.90
CA LYS A 179 12.98 -4.03 6.77
C LYS A 179 13.10 -2.63 7.36
N GLU A 180 12.64 -1.62 6.61
CA GLU A 180 12.57 -0.26 7.13
C GLU A 180 11.44 -0.19 8.18
N LYS A 181 11.79 0.26 9.38
CA LYS A 181 10.85 0.37 10.50
C LYS A 181 9.56 1.13 10.14
N TYR A 182 9.72 2.26 9.45
CA TYR A 182 8.60 3.13 9.12
C TYR A 182 8.07 2.99 7.67
N TYR A 183 8.26 1.81 7.09
CA TYR A 183 7.74 1.48 5.75
C TYR A 183 6.25 1.09 5.77
N GLY A 184 5.51 1.49 4.73
CA GLY A 184 4.17 0.98 4.56
C GLY A 184 3.12 1.70 5.38
N TYR A 185 1.89 1.25 5.27
CA TYR A 185 0.81 1.79 6.07
C TYR A 185 1.14 1.71 7.56
N THR A 186 1.53 0.52 8.01
CA THR A 186 1.76 0.30 9.43
C THR A 186 2.97 1.14 9.93
N GLY A 187 4.04 1.12 9.14
CA GLY A 187 5.29 1.82 9.47
C GLY A 187 5.10 3.31 9.54
N ALA A 188 4.44 3.89 8.53
CA ALA A 188 4.10 5.33 8.53
C ALA A 188 3.23 5.74 9.73
N PHE A 189 2.23 4.94 10.06
CA PHE A 189 1.41 5.26 11.20
C PHE A 189 2.20 5.14 12.52
N ARG A 190 3.13 4.16 12.60
CA ARG A 190 4.04 4.05 13.76
C ARG A 190 4.97 5.25 13.91
N CYS A 191 5.34 5.84 12.78
CA CYS A 191 6.20 7.03 12.69
C CYS A 191 5.47 8.22 13.36
N LEU A 192 4.16 8.34 13.12
CA LEU A 192 3.37 9.36 13.77
C LEU A 192 3.10 9.02 15.25
N ALA A 193 2.75 7.76 15.52
CA ALA A 193 2.40 7.33 16.87
C ALA A 193 3.57 7.46 17.86
N GLU A 194 4.81 7.35 17.37
CA GLU A 194 6.00 7.49 18.21
C GLU A 194 6.50 8.92 18.24
N ASP A 195 5.80 9.79 17.52
CA ASP A 195 6.07 11.25 17.49
C ASP A 195 7.35 11.62 16.80
N VAL A 196 7.75 10.76 15.86
CA VAL A 196 8.87 11.01 14.99
C VAL A 196 8.44 12.05 13.95
N GLY A 197 7.23 11.90 13.42
CA GLY A 197 6.71 12.88 12.47
C GLY A 197 5.46 13.52 13.00
N ASP A 198 5.10 14.66 12.41
CA ASP A 198 3.85 15.39 12.75
C ASP A 198 2.59 14.89 12.00
N VAL A 199 2.79 14.27 10.85
CA VAL A 199 1.69 13.81 9.98
C VAL A 199 2.04 12.48 9.30
N ALA A 200 1.03 11.61 9.17
CA ALA A 200 1.15 10.36 8.45
C ALA A 200 0.15 10.33 7.30
N PHE A 201 0.64 9.93 6.13
CA PHE A 201 -0.19 9.75 4.96
C PHE A 201 -0.39 8.28 4.74
N VAL A 202 -1.60 7.84 5.13
CA VAL A 202 -1.96 6.46 5.18
C VAL A 202 -3.41 6.36 4.67
N LYS A 203 -4.08 5.25 4.94
CA LYS A 203 -5.47 5.07 4.55
C LYS A 203 -6.33 5.01 5.80
N ASN A 204 -7.64 5.17 5.64
CA ASN A 204 -8.56 5.12 6.78
C ASN A 204 -8.39 3.89 7.68
N ASP A 205 -8.32 2.71 7.06
CA ASP A 205 -8.27 1.44 7.78
C ASP A 205 -7.06 1.26 8.73
N THR A 206 -5.95 1.85 8.35
CA THR A 206 -4.72 1.80 9.15
C THR A 206 -4.90 2.33 10.58
N VAL A 207 -5.56 3.48 10.72
CA VAL A 207 -5.85 4.09 12.02
C VAL A 207 -6.66 3.14 12.90
N TRP A 208 -7.76 2.60 12.36
CA TRP A 208 -8.65 1.67 13.05
C TRP A 208 -8.01 0.34 13.44
N GLU A 209 -7.13 -0.18 12.60
CA GLU A 209 -6.48 -1.47 12.84
C GLU A 209 -5.34 -1.40 13.84
N ASN A 210 -4.88 -0.19 14.15
CA ASN A 210 -3.74 -0.03 15.04
C ASN A 210 -4.02 0.77 16.32
N THR A 211 -5.30 0.88 16.66
CA THR A 211 -5.76 1.63 17.83
C THR A 211 -6.83 0.83 18.59
N ASN A 212 -7.01 1.17 19.88
CA ASN A 212 -8.05 0.59 20.74
C ASN A 212 -7.93 -0.91 20.93
N GLY A 213 -6.68 -1.39 21.00
CA GLY A 213 -6.40 -2.81 21.18
C GLY A 213 -6.50 -3.75 19.99
N GLU A 214 -6.67 -3.21 18.78
CA GLU A 214 -6.74 -4.06 17.57
C GLU A 214 -5.40 -4.72 17.19
N SER A 215 -4.29 -4.15 17.64
CA SER A 215 -2.96 -4.64 17.25
C SER A 215 -2.22 -5.58 18.24
N THR A 216 -2.10 -5.19 19.50
CA THR A 216 -1.27 -5.94 20.48
C THR A 216 0.24 -5.83 20.26
N ALA A 217 0.67 -5.19 19.17
CA ALA A 217 2.07 -4.82 19.00
C ALA A 217 2.41 -3.75 20.02
N ASP A 218 3.61 -3.82 20.58
CA ASP A 218 4.02 -3.00 21.73
C ASP A 218 3.89 -1.47 21.55
N TRP A 219 4.16 -0.97 20.34
CA TRP A 219 4.04 0.47 20.06
C TRP A 219 2.58 0.90 19.93
N ALA A 220 1.71 -0.04 19.55
CA ALA A 220 0.30 0.24 19.26
C ALA A 220 -0.70 -0.18 20.37
N LYS A 221 -0.26 -1.08 21.26
CA LYS A 221 -0.99 -1.53 22.48
C LYS A 221 -1.90 -0.49 23.14
N ASN A 222 -1.33 0.68 23.41
CA ASN A 222 -1.99 1.73 24.18
C ASN A 222 -2.51 2.90 23.33
N LEU A 223 -2.49 2.76 22.01
CA LEU A 223 -3.00 3.82 21.16
C LEU A 223 -4.53 3.88 21.15
N LYS A 224 -5.05 5.08 21.34
CA LYS A 224 -6.49 5.34 21.37
C LYS A 224 -6.88 6.19 20.15
N ARG A 225 -7.94 5.80 19.44
CA ARG A 225 -8.52 6.58 18.34
C ARG A 225 -8.78 8.05 18.65
N GLU A 226 -9.23 8.35 19.86
CA GLU A 226 -9.51 9.74 20.23
C GLU A 226 -8.27 10.65 20.31
N ASP A 227 -7.08 10.05 20.33
CA ASP A 227 -5.86 10.84 20.33
C ASP A 227 -5.39 11.24 18.94
N PHE A 228 -6.18 10.92 17.92
CA PHE A 228 -5.85 11.21 16.54
C PHE A 228 -6.90 12.06 15.86
N ARG A 229 -6.45 12.89 14.92
CA ARG A 229 -7.33 13.71 14.11
C ARG A 229 -6.94 13.59 12.65
N LEU A 230 -7.95 13.52 11.78
CA LEU A 230 -7.78 13.63 10.33
C LEU A 230 -7.71 15.10 9.90
N LEU A 231 -6.79 15.40 9.00
CA LEU A 231 -6.73 16.72 8.35
C LEU A 231 -7.55 16.73 7.06
N CYS A 232 -8.49 17.69 6.97
CA CYS A 232 -9.34 17.79 5.78
C CYS A 232 -8.83 18.92 4.92
N LEU A 233 -9.21 18.89 3.65
CA LEU A 233 -8.67 19.85 2.69
C LEU A 233 -9.22 21.26 2.90
N ASP A 234 -10.36 21.39 3.58
CA ASP A 234 -10.91 22.71 3.91
C ASP A 234 -10.27 23.42 5.13
N GLY A 235 -9.13 22.91 5.63
CA GLY A 235 -8.43 23.53 6.75
C GLY A 235 -8.91 23.06 8.11
N THR A 236 -9.83 22.12 8.10
CA THR A 236 -10.51 21.64 9.28
C THR A 236 -9.88 20.33 9.85
N ARG A 237 -10.19 20.00 11.10
CA ARG A 237 -9.77 18.76 11.75
C ARG A 237 -10.99 18.00 12.22
N LYS A 238 -11.01 16.69 11.98
CA LYS A 238 -12.14 15.86 12.36
C LYS A 238 -11.69 14.57 13.04
N PRO A 239 -12.56 14.00 13.93
CA PRO A 239 -12.34 12.63 14.40
C PRO A 239 -12.21 11.62 13.27
N VAL A 240 -11.58 10.49 13.58
CA VAL A 240 -11.24 9.48 12.60
C VAL A 240 -12.47 8.72 12.15
N THR A 241 -13.56 8.91 12.89
CA THR A 241 -14.91 8.42 12.52
C THR A 241 -15.51 9.14 11.31
N GLU A 242 -14.91 10.27 10.94
CA GLU A 242 -15.47 11.14 9.91
C GLU A 242 -14.71 11.12 8.58
N ALA A 243 -14.07 9.99 8.26
CA ALA A 243 -13.22 9.87 7.07
C ALA A 243 -13.97 9.96 5.74
N GLN A 244 -15.26 9.64 5.77
CA GLN A 244 -16.12 9.76 4.59
C GLN A 244 -16.25 11.21 4.18
N SER A 245 -16.10 12.14 5.12
CA SER A 245 -16.19 13.57 4.82
C SER A 245 -14.87 14.32 4.93
N CYS A 246 -13.81 13.63 5.32
CA CYS A 246 -12.52 14.25 5.58
C CYS A 246 -11.36 13.33 5.10
N HIS A 247 -11.31 13.12 3.79
CA HIS A 247 -10.25 12.36 3.15
C HIS A 247 -9.64 13.19 2.01
N LEU A 248 -8.44 12.79 1.59
CA LEU A 248 -7.77 13.44 0.49
C LEU A 248 -8.22 12.87 -0.86
N ALA A 249 -8.63 11.61 -0.89
CA ALA A 249 -9.09 10.96 -2.13
C ALA A 249 -9.57 9.57 -1.82
N VAL A 250 -10.24 8.96 -2.79
CA VAL A 250 -10.49 7.54 -2.74
C VAL A 250 -9.55 6.81 -3.71
N ALA A 251 -8.85 5.82 -3.18
CA ALA A 251 -7.79 5.11 -3.88
C ALA A 251 -8.27 3.77 -4.44
N PRO A 252 -7.87 3.44 -5.69
CA PRO A 252 -8.15 2.09 -6.20
C PRO A 252 -7.42 1.02 -5.36
N ASN A 253 -8.13 -0.05 -5.04
CA ASN A 253 -7.55 -1.14 -4.26
C ASN A 253 -6.25 -1.70 -4.84
N HIS A 254 -5.43 -2.25 -3.94
CA HIS A 254 -4.27 -3.03 -4.35
C HIS A 254 -4.72 -4.21 -5.19
N ALA A 255 -3.94 -4.51 -6.22
CA ALA A 255 -4.30 -5.57 -7.13
C ALA A 255 -3.09 -6.40 -7.58
N VAL A 256 -3.35 -7.67 -7.89
CA VAL A 256 -2.39 -8.59 -8.47
C VAL A 256 -2.14 -8.23 -9.94
N VAL A 257 -0.88 -8.05 -10.29
CA VAL A 257 -0.50 -7.81 -11.68
C VAL A 257 0.35 -8.93 -12.26
N SER A 258 0.29 -9.10 -13.57
CA SER A 258 1.14 -10.03 -14.26
C SER A 258 1.35 -9.56 -15.69
N ARG A 259 2.25 -10.25 -16.38
CA ARG A 259 2.40 -10.07 -17.81
C ARG A 259 1.13 -10.56 -18.48
N SER A 260 0.63 -9.76 -19.42
CA SER A 260 -0.60 -10.08 -20.13
C SER A 260 -0.69 -11.53 -20.58
N ASP A 261 0.42 -12.04 -21.13
CA ASP A 261 0.50 -13.42 -21.62
C ASP A 261 0.39 -14.51 -20.52
N ARG A 262 0.47 -14.10 -19.25
CA ARG A 262 0.37 -15.02 -18.13
C ARG A 262 -0.90 -14.86 -17.28
N ALA A 263 -1.69 -13.82 -17.58
CA ALA A 263 -2.84 -13.38 -16.75
C ALA A 263 -3.84 -14.49 -16.43
N ALA A 264 -4.20 -15.24 -17.46
CA ALA A 264 -5.23 -16.27 -17.38
C ALA A 264 -4.82 -17.37 -16.47
N HIS A 265 -3.54 -17.69 -16.53
CA HIS A 265 -3.00 -18.79 -15.76
C HIS A 265 -2.79 -18.40 -14.30
N VAL A 266 -2.32 -17.17 -14.09
CA VAL A 266 -2.16 -16.60 -12.74
C VAL A 266 -3.52 -16.55 -12.04
N GLU A 267 -4.54 -16.07 -12.75
CA GLU A 267 -5.91 -15.99 -12.24
C GLU A 267 -6.43 -17.34 -11.75
N GLN A 268 -6.36 -18.36 -12.59
CA GLN A 268 -6.82 -19.72 -12.28
C GLN A 268 -6.15 -20.31 -11.02
N VAL A 269 -4.83 -20.17 -10.92
CA VAL A 269 -4.12 -20.68 -9.76
C VAL A 269 -4.54 -19.92 -8.48
N LEU A 270 -4.64 -18.60 -8.58
CA LEU A 270 -4.93 -17.76 -7.41
C LEU A 270 -6.30 -17.97 -6.81
N LEU A 271 -7.32 -18.12 -7.67
CA LEU A 271 -8.67 -18.50 -7.26
C LEU A 271 -8.70 -19.84 -6.50
N HIS A 272 -7.96 -20.83 -6.99
CA HIS A 272 -7.82 -22.10 -6.26
C HIS A 272 -7.01 -21.94 -4.96
N GLN A 273 -5.97 -21.12 -5.00
CA GLN A 273 -5.20 -20.83 -3.77
C GLN A 273 -6.04 -20.19 -2.65
N GLN A 274 -6.93 -19.27 -2.99
CA GLN A 274 -7.73 -18.62 -1.96
C GLN A 274 -8.85 -19.50 -1.41
N ALA A 275 -9.38 -20.40 -2.24
CA ALA A 275 -10.29 -21.46 -1.80
C ALA A 275 -9.68 -22.28 -0.65
N LEU A 276 -8.36 -22.44 -0.66
CA LEU A 276 -7.64 -23.22 0.34
C LEU A 276 -7.13 -22.41 1.53
N PHE A 277 -6.57 -21.23 1.26
CA PHE A 277 -5.88 -20.45 2.31
C PHE A 277 -6.46 -19.06 2.58
N GLY A 278 -7.53 -18.73 1.87
CA GLY A 278 -8.25 -17.48 2.10
C GLY A 278 -9.13 -17.47 3.33
N LYS A 279 -10.00 -16.47 3.41
CA LYS A 279 -10.76 -16.17 4.62
C LYS A 279 -11.53 -17.35 5.22
N ASN A 280 -12.26 -18.09 4.38
CA ASN A 280 -12.92 -19.31 4.90
C ASN A 280 -12.37 -20.58 4.26
N GLY A 281 -11.08 -20.55 3.96
CA GLY A 281 -10.45 -21.59 3.18
C GLY A 281 -10.36 -22.88 3.95
N LYS A 282 -10.27 -23.98 3.21
CA LYS A 282 -10.23 -25.32 3.78
C LYS A 282 -9.09 -25.49 4.77
N ASN A 283 -8.03 -24.70 4.58
CA ASN A 283 -6.85 -24.84 5.39
C ASN A 283 -6.43 -23.60 6.14
N CYS A 284 -7.20 -22.53 6.04
CA CYS A 284 -6.64 -21.26 6.49
C CYS A 284 -6.38 -21.25 7.97
N PRO A 285 -7.45 -21.36 8.80
CA PRO A 285 -7.12 -21.23 10.22
C PRO A 285 -6.11 -22.32 10.57
N ASP A 286 -6.33 -23.49 9.99
CA ASP A 286 -5.67 -24.73 10.37
C ASP A 286 -4.19 -24.81 9.97
N LYS A 287 -3.92 -24.82 8.68
CA LYS A 287 -2.55 -24.91 8.20
C LYS A 287 -1.93 -23.54 7.90
N PHE A 288 -2.55 -22.75 7.02
CA PHE A 288 -1.97 -21.48 6.56
C PHE A 288 -3.04 -20.50 6.07
N CYS A 289 -2.92 -19.24 6.50
CA CYS A 289 -3.78 -18.15 6.04
C CYS A 289 -3.00 -17.13 5.20
N LEU A 290 -3.33 -17.09 3.91
CA LEU A 290 -2.81 -16.11 2.96
C LEU A 290 -2.94 -14.65 3.40
N PHE A 291 -4.05 -14.30 4.04
CA PHE A 291 -4.33 -12.90 4.34
C PHE A 291 -4.00 -12.50 5.80
N LYS A 292 -3.21 -13.32 6.48
CA LYS A 292 -2.68 -12.97 7.81
C LYS A 292 -1.18 -12.84 7.81
N SER A 293 -0.70 -11.94 8.66
CA SER A 293 0.73 -11.75 8.94
C SER A 293 0.88 -10.77 10.12
N GLU A 294 0.02 -10.93 11.14
CA GLU A 294 0.04 -10.07 12.34
C GLU A 294 0.34 -8.57 12.08
N THR A 295 -0.60 -7.91 11.39
CA THR A 295 -0.59 -6.44 11.19
C THR A 295 0.52 -5.91 10.24
N LYS A 296 1.24 -6.83 9.62
CA LYS A 296 2.42 -6.49 8.84
C LYS A 296 2.18 -6.33 7.35
N ASN A 297 1.00 -6.73 6.89
CA ASN A 297 0.57 -6.58 5.50
C ASN A 297 1.58 -7.14 4.50
N LEU A 298 1.90 -8.42 4.69
CA LEU A 298 2.91 -9.10 3.92
C LEU A 298 2.23 -9.79 2.75
N LEU A 299 2.70 -9.48 1.54
CA LEU A 299 2.14 -9.99 0.25
C LEU A 299 0.77 -9.43 -0.08
N PHE A 300 -0.13 -9.49 0.89
CA PHE A 300 -1.46 -8.90 0.82
C PHE A 300 -1.70 -8.11 2.09
N ASN A 301 -2.60 -7.12 2.04
CA ASN A 301 -3.10 -6.47 3.24
C ASN A 301 -3.85 -7.47 4.12
N ASP A 302 -3.65 -7.34 5.43
CA ASP A 302 -4.32 -8.21 6.40
C ASP A 302 -5.85 -8.08 6.45
N ASN A 303 -6.39 -6.93 6.03
CA ASN A 303 -7.86 -6.75 6.01
C ASN A 303 -8.55 -7.27 4.75
N THR A 304 -7.81 -7.99 3.90
CA THR A 304 -8.36 -8.55 2.66
C THR A 304 -9.33 -9.70 2.95
N GLU A 305 -10.57 -9.54 2.52
CA GLU A 305 -11.56 -10.62 2.62
C GLU A 305 -11.30 -11.67 1.53
N CYS A 306 -11.05 -11.21 0.31
CA CYS A 306 -10.75 -12.09 -0.82
C CYS A 306 -10.11 -11.29 -1.95
N LEU A 307 -9.59 -12.02 -2.93
CA LEU A 307 -9.24 -11.47 -4.23
C LEU A 307 -10.46 -11.57 -5.16
N ALA A 308 -10.82 -10.45 -5.78
CA ALA A 308 -12.03 -10.32 -6.58
C ALA A 308 -11.70 -10.24 -8.06
N LYS A 309 -12.53 -10.89 -8.88
CA LYS A 309 -12.45 -10.75 -10.34
C LYS A 309 -12.78 -9.34 -10.71
N LEU A 310 -12.30 -8.89 -11.86
CA LEU A 310 -12.39 -7.48 -12.18
C LEU A 310 -13.68 -7.04 -12.88
N GLY A 311 -13.98 -7.57 -14.05
CA GLY A 311 -15.24 -7.17 -14.67
C GLY A 311 -15.03 -5.94 -15.52
N GLY A 312 -15.31 -6.11 -16.81
CA GLY A 312 -15.03 -5.08 -17.80
C GLY A 312 -13.63 -5.27 -18.34
N ARG A 313 -13.05 -6.42 -18.03
CA ARG A 313 -11.65 -6.77 -18.36
C ARG A 313 -10.77 -5.52 -18.52
N PRO A 314 -10.60 -4.75 -17.41
CA PRO A 314 -10.05 -3.41 -17.58
C PRO A 314 -8.57 -3.39 -17.93
N THR A 315 -8.18 -2.41 -18.72
CA THR A 315 -6.77 -2.07 -18.83
C THR A 315 -6.34 -1.45 -17.48
N TYR A 316 -5.04 -1.27 -17.30
CA TYR A 316 -4.53 -0.69 -16.08
C TYR A 316 -5.07 0.75 -15.92
N GLU A 317 -5.36 1.41 -17.03
CA GLU A 317 -5.85 2.79 -17.03
C GLU A 317 -7.29 2.87 -16.55
N GLU A 318 -8.13 1.98 -17.05
CA GLU A 318 -9.50 1.85 -16.62
C GLU A 318 -9.56 1.36 -15.19
N TYR A 319 -8.62 0.51 -14.79
CA TYR A 319 -8.63 0.00 -13.45
C TYR A 319 -8.35 1.16 -12.47
N LEU A 320 -7.42 2.02 -12.82
CA LEU A 320 -7.03 3.10 -11.94
C LEU A 320 -8.02 4.28 -12.00
N GLY A 321 -8.63 4.49 -13.19
CA GLY A 321 -9.57 5.59 -13.40
C GLY A 321 -8.88 6.84 -13.92
N THR A 322 -9.60 7.67 -14.68
CA THR A 322 -9.01 8.87 -15.34
C THR A 322 -8.66 9.92 -14.32
N GLU A 323 -9.38 9.91 -13.20
CA GLU A 323 -9.09 10.75 -12.05
C GLU A 323 -7.64 10.53 -11.58
N TYR A 324 -7.36 9.32 -11.09
CA TYR A 324 -6.05 8.99 -10.53
C TYR A 324 -4.89 9.06 -11.53
N VAL A 325 -5.13 8.61 -12.76
CA VAL A 325 -4.10 8.56 -13.82
C VAL A 325 -3.60 9.96 -14.19
N THR A 326 -4.51 10.93 -14.29
CA THR A 326 -4.09 12.30 -14.64
C THR A 326 -3.33 12.94 -13.48
N ALA A 327 -3.76 12.64 -12.25
CA ALA A 327 -3.05 13.05 -11.04
C ALA A 327 -1.58 12.60 -11.05
N ILE A 328 -1.33 11.32 -11.34
CA ILE A 328 0.03 10.76 -11.37
C ILE A 328 0.88 11.35 -12.48
N ALA A 329 0.32 11.45 -13.69
CA ALA A 329 1.01 12.07 -14.84
C ALA A 329 1.46 13.49 -14.53
N ASN A 330 0.56 14.27 -13.94
CA ASN A 330 0.87 15.64 -13.53
C ASN A 330 2.00 15.77 -12.50
N LEU A 331 1.99 14.89 -11.50
CA LEU A 331 3.08 14.82 -10.53
C LEU A 331 4.39 14.31 -11.16
N LYS A 332 4.28 13.33 -12.07
CA LYS A 332 5.46 12.68 -12.65
C LYS A 332 6.28 13.63 -13.51
N LYS A 333 5.63 14.67 -14.03
CA LYS A 333 6.32 15.68 -14.82
C LYS A 333 7.20 16.63 -13.99
N CYS A 334 7.13 16.51 -12.67
CA CYS A 334 8.10 17.17 -11.80
C CYS A 334 9.42 16.40 -11.73
N SER A 335 9.35 15.07 -11.88
CA SER A 335 10.54 14.22 -11.73
C SER A 335 11.27 13.99 -13.05
N LEU A 340 7.85 11.69 -23.52
CA LEU A 340 7.91 11.27 -22.12
C LEU A 340 6.93 10.12 -21.84
N GLU A 341 6.57 9.38 -22.89
CA GLU A 341 5.71 8.18 -22.75
C GLU A 341 6.52 6.88 -22.94
N ALA A 342 6.89 6.26 -21.82
CA ALA A 342 7.78 5.09 -21.82
C ALA A 342 7.67 4.24 -20.56
N CYS A 343 8.02 2.96 -20.71
CA CYS A 343 8.39 2.10 -19.58
C CYS A 343 9.71 2.61 -18.96
N ALA A 344 9.72 2.79 -17.64
CA ALA A 344 10.86 3.36 -16.89
C ALA A 344 12.10 2.47 -16.89
N PHE A 345 11.93 1.21 -17.24
CA PHE A 345 13.02 0.24 -17.23
C PHE A 345 13.44 -0.11 -18.65
#